data_3BQ8
#
_entry.id   3BQ8
#
_cell.length_a   33.591
_cell.length_b   113.965
_cell.length_c   45.528
_cell.angle_alpha   90.00
_cell.angle_beta   109.45
_cell.angle_gamma   90.00
#
_symmetry.space_group_name_H-M   'P 1 21 1'
#
loop_
_entity.id
_entity.type
_entity.pdbx_description
1 polymer 'Sensor protein phoQ'
2 non-polymer 'NICKEL (II) ION'
3 non-polymer 'ACETIC ACID'
4 water water
#
_entity_poly.entity_id   1
_entity_poly.type   'polypeptide(L)'
_entity_poly.pdbx_seq_one_letter_code
;SFDKTTFRLLRGESNLFYTLAKWENNKLHVELPENIDKQSPT(MSE)TLIYDENGQLLWAQRDVPWL(MSE)K(MSE)IQ
PDWLKSNGFHEIEADVNDTSLLLSGDHSIQQQLQEVREDDDDAE(MSE)THSVAVNVYPATSR(MSE)PKLTIVVVDTIP
VELKSSYM
;
_entity_poly.pdbx_strand_id   A,B
#
loop_
_chem_comp.id
_chem_comp.type
_chem_comp.name
_chem_comp.formula
ACY non-polymer 'ACETIC ACID' 'C2 H4 O2'
NI non-polymer 'NICKEL (II) ION' 'Ni 2'
#
# COMPACT_ATOMS: atom_id res chain seq x y z
N ASP A 3 7.28 7.07 9.95
CA ASP A 3 7.63 6.36 11.22
C ASP A 3 6.50 5.39 11.53
N LYS A 4 5.43 5.89 12.12
CA LYS A 4 4.30 5.03 12.42
C LYS A 4 3.54 4.68 11.15
N THR A 5 3.46 5.60 10.19
CA THR A 5 2.74 5.27 8.96
C THR A 5 3.64 4.44 8.07
N THR A 6 4.94 4.65 8.20
CA THR A 6 5.91 3.87 7.43
C THR A 6 5.79 2.41 7.91
N PHE A 7 5.80 2.20 9.23
CA PHE A 7 5.69 0.88 9.84
C PHE A 7 4.44 0.12 9.40
N ARG A 8 3.30 0.81 9.41
CA ARG A 8 2.02 0.24 9.01
C ARG A 8 1.90 -0.11 7.54
N LEU A 9 2.42 0.76 6.68
CA LEU A 9 2.36 0.52 5.25
C LEU A 9 3.33 -0.58 4.84
N LEU A 10 4.42 -0.69 5.59
CA LEU A 10 5.42 -1.72 5.32
C LEU A 10 4.88 -3.06 5.83
N ARG A 11 4.24 -3.05 7.00
CA ARG A 11 3.68 -4.29 7.51
C ARG A 11 2.53 -4.73 6.63
N GLY A 12 1.84 -3.77 6.03
CA GLY A 12 0.74 -4.08 5.12
C GLY A 12 1.17 -4.71 3.81
N GLU A 13 2.34 -4.31 3.29
CA GLU A 13 2.88 -4.87 2.06
C GLU A 13 3.35 -6.33 2.35
N SER A 14 3.82 -6.59 3.56
CA SER A 14 4.24 -7.93 3.96
C SER A 14 3.03 -8.88 3.80
N ASN A 15 1.89 -8.44 4.32
CA ASN A 15 0.65 -9.21 4.22
C ASN A 15 0.25 -9.45 2.78
N LEU A 16 0.29 -8.42 1.95
CA LEU A 16 -0.09 -8.66 0.56
C LEU A 16 0.71 -9.83 0.06
N PHE A 17 2.04 -9.75 0.15
CA PHE A 17 2.91 -10.84 -0.32
C PHE A 17 2.68 -12.19 0.37
N TYR A 18 2.31 -12.20 1.64
CA TYR A 18 2.05 -13.45 2.34
C TYR A 18 0.81 -14.07 1.69
N THR A 19 -0.24 -13.25 1.57
CA THR A 19 -1.48 -13.65 0.95
C THR A 19 -1.27 -14.19 -0.45
N LEU A 20 -0.47 -13.51 -1.25
CA LEU A 20 -0.21 -13.93 -2.62
C LEU A 20 0.81 -15.06 -2.76
N ALA A 21 1.36 -15.53 -1.65
CA ALA A 21 2.36 -16.60 -1.70
C ALA A 21 1.74 -18.01 -1.65
N LYS A 22 2.33 -18.92 -2.42
CA LYS A 22 1.86 -20.30 -2.47
C LYS A 22 3.01 -21.29 -2.50
N TRP A 23 2.73 -22.52 -2.07
CA TRP A 23 3.73 -23.59 -2.09
C TRP A 23 3.32 -24.67 -3.09
N GLU A 24 4.04 -24.78 -4.20
CA GLU A 24 3.75 -25.79 -5.21
C GLU A 24 5.06 -26.33 -5.79
N ASN A 25 5.11 -27.64 -6.02
CA ASN A 25 6.32 -28.29 -6.55
C ASN A 25 7.39 -28.15 -5.48
N ASN A 26 7.01 -28.42 -4.23
CA ASN A 26 7.89 -28.31 -3.08
C ASN A 26 8.69 -27.00 -3.10
N LYS A 27 8.02 -25.90 -3.47
CA LYS A 27 8.66 -24.60 -3.54
C LYS A 27 7.73 -23.40 -3.37
N LEU A 28 8.29 -22.29 -2.91
CA LEU A 28 7.53 -21.06 -2.70
C LEU A 28 7.50 -20.16 -3.93
N HIS A 29 6.29 -19.73 -4.28
CA HIS A 29 6.09 -18.84 -5.41
C HIS A 29 5.14 -17.74 -4.94
N VAL A 30 5.29 -16.55 -5.50
CA VAL A 30 4.43 -15.43 -5.15
C VAL A 30 3.75 -14.99 -6.44
N GLU A 31 2.44 -14.86 -6.41
CA GLU A 31 1.68 -14.43 -7.59
C GLU A 31 1.49 -12.90 -7.57
N LEU A 32 2.36 -12.19 -8.29
CA LEU A 32 2.35 -10.72 -8.30
C LEU A 32 2.01 -10.07 -9.63
N PRO A 33 1.19 -9.00 -9.61
CA PRO A 33 0.85 -8.34 -10.88
C PRO A 33 2.11 -8.01 -11.66
N GLU A 34 1.94 -7.87 -12.97
CA GLU A 34 3.04 -7.60 -13.88
C GLU A 34 4.04 -6.55 -13.39
N ASN A 35 3.59 -5.31 -13.24
CA ASN A 35 4.47 -4.24 -12.78
C ASN A 35 4.38 -3.94 -11.30
N ILE A 36 4.74 -4.94 -10.50
CA ILE A 36 4.73 -4.81 -9.05
C ILE A 36 5.78 -3.81 -8.61
N ASP A 37 7.00 -3.95 -9.14
CA ASP A 37 8.08 -3.06 -8.78
C ASP A 37 7.62 -1.59 -8.86
N LYS A 38 6.86 -1.26 -9.89
CA LYS A 38 6.38 0.11 -10.07
C LYS A 38 5.12 0.49 -9.29
N GLN A 39 4.40 -0.50 -8.75
CA GLN A 39 3.19 -0.19 -8.02
C GLN A 39 3.48 0.26 -6.59
N SER A 40 4.70 0.01 -6.14
CA SER A 40 5.08 0.35 -4.79
C SER A 40 6.58 0.50 -4.71
N PRO A 41 7.06 1.48 -3.93
CA PRO A 41 8.50 1.72 -3.79
C PRO A 41 9.03 0.94 -2.57
N THR A 42 8.97 -0.39 -2.71
CA THR A 42 9.38 -1.36 -1.69
C THR A 42 10.14 -2.52 -2.32
N MSE A 43 10.88 -3.25 -1.49
CA MSE A 43 11.67 -4.43 -1.87
C MSE A 43 11.34 -5.49 -0.86
O MSE A 43 11.43 -5.27 0.35
CB MSE A 43 13.17 -4.14 -1.77
CG MSE A 43 13.82 -3.50 -2.99
SE MSE A 43 13.85 -4.66 -4.53
CE MSE A 43 14.17 -6.34 -3.58
N THR A 44 10.96 -6.66 -1.34
CA THR A 44 10.62 -7.74 -0.44
C THR A 44 11.49 -8.98 -0.56
N LEU A 45 11.79 -9.58 0.59
CA LEU A 45 12.57 -10.81 0.68
C LEU A 45 11.77 -11.76 1.54
N ILE A 46 11.84 -13.07 1.26
CA ILE A 46 11.10 -14.05 2.07
C ILE A 46 12.00 -15.20 2.55
N TYR A 47 12.10 -15.37 3.87
CA TYR A 47 12.94 -16.39 4.48
C TYR A 47 12.15 -17.47 5.24
N ASP A 48 12.81 -18.61 5.46
CA ASP A 48 12.22 -19.72 6.21
C ASP A 48 12.67 -19.58 7.65
N GLU A 49 12.15 -20.44 8.53
CA GLU A 49 12.49 -20.36 9.95
C GLU A 49 13.98 -20.45 10.25
N ASN A 50 14.74 -21.05 9.35
CA ASN A 50 16.17 -21.18 9.54
C ASN A 50 16.97 -20.03 8.93
N GLY A 51 16.28 -19.01 8.41
CA GLY A 51 16.95 -17.86 7.83
C GLY A 51 17.45 -18.04 6.40
N GLN A 52 16.89 -18.98 5.67
CA GLN A 52 17.35 -19.18 4.31
C GLN A 52 16.45 -18.44 3.31
N LEU A 53 17.09 -17.77 2.34
CA LEU A 53 16.32 -17.02 1.37
C LEU A 53 15.56 -17.95 0.47
N LEU A 54 14.26 -17.69 0.35
CA LEU A 54 13.39 -18.50 -0.49
C LEU A 54 12.94 -17.72 -1.70
N TRP A 55 12.90 -16.40 -1.58
CA TRP A 55 12.41 -15.55 -2.66
C TRP A 55 12.83 -14.08 -2.48
N ALA A 56 13.29 -13.47 -3.55
CA ALA A 56 13.73 -12.09 -3.53
C ALA A 56 13.08 -11.34 -4.67
N GLN A 57 12.50 -10.17 -4.38
CA GLN A 57 11.86 -9.39 -5.44
C GLN A 57 12.94 -9.08 -6.44
N ARG A 58 14.19 -9.06 -5.97
CA ARG A 58 15.33 -8.79 -6.82
C ARG A 58 16.62 -9.08 -6.06
N ASP A 59 17.73 -9.25 -6.78
CA ASP A 59 19.02 -9.49 -6.12
C ASP A 59 19.68 -8.15 -5.78
N VAL A 60 19.74 -7.86 -4.50
CA VAL A 60 20.32 -6.62 -4.03
C VAL A 60 21.34 -6.92 -2.96
N PRO A 61 22.58 -7.19 -3.38
CA PRO A 61 23.74 -7.50 -2.54
C PRO A 61 23.88 -6.66 -1.27
N TRP A 62 24.04 -5.35 -1.44
CA TRP A 62 24.21 -4.47 -0.29
C TRP A 62 23.04 -4.62 0.66
N LEU A 63 21.85 -4.77 0.08
CA LEU A 63 20.67 -4.92 0.90
C LEU A 63 20.69 -6.25 1.68
N MSE A 64 21.10 -7.33 1.01
CA MSE A 64 21.16 -8.64 1.65
C MSE A 64 22.21 -8.81 2.75
O MSE A 64 22.07 -9.69 3.59
CB MSE A 64 21.33 -9.73 0.60
CG MSE A 64 20.01 -10.29 0.11
SE MSE A 64 20.08 -10.79 -1.75
CE MSE A 64 18.57 -9.76 -2.42
N LYS A 65 23.26 -7.98 2.76
CA LYS A 65 24.29 -8.07 3.78
C LYS A 65 23.88 -7.25 5.00
N MSE A 66 22.91 -6.36 4.81
CA MSE A 66 22.44 -5.50 5.89
C MSE A 66 21.43 -6.21 6.77
O MSE A 66 21.26 -5.85 7.93
CB MSE A 66 21.80 -4.23 5.33
CG MSE A 66 22.73 -3.28 4.59
SE MSE A 66 23.97 -2.32 5.72
CE MSE A 66 22.82 -1.85 7.20
N ILE A 67 20.73 -7.19 6.22
CA ILE A 67 19.71 -7.88 6.99
C ILE A 67 20.29 -8.92 7.95
N GLN A 68 20.49 -8.50 9.19
CA GLN A 68 21.05 -9.35 10.24
C GLN A 68 20.16 -10.55 10.52
N PRO A 69 20.73 -11.77 10.39
CA PRO A 69 19.97 -12.99 10.63
C PRO A 69 19.16 -12.90 11.92
N ASP A 70 19.75 -12.30 12.94
CA ASP A 70 19.07 -12.11 14.22
C ASP A 70 17.68 -11.55 13.98
N TRP A 71 17.60 -10.49 13.19
CA TRP A 71 16.33 -9.83 12.89
C TRP A 71 15.24 -10.78 12.41
N LEU A 72 15.60 -11.86 11.75
CA LEU A 72 14.59 -12.78 11.22
C LEU A 72 13.82 -13.63 12.26
N LYS A 73 14.23 -13.59 13.51
CA LYS A 73 13.57 -14.37 14.55
C LYS A 73 12.58 -13.54 15.36
N SER A 74 12.01 -12.50 14.77
CA SER A 74 11.05 -11.67 15.52
C SER A 74 10.56 -10.46 14.73
N ASN A 75 9.37 -9.98 15.07
CA ASN A 75 8.78 -8.82 14.41
C ASN A 75 9.54 -7.55 14.82
N GLY A 76 9.94 -6.75 13.84
CA GLY A 76 10.65 -5.53 14.15
C GLY A 76 10.69 -4.50 13.04
N PHE A 77 11.14 -3.31 13.41
CA PHE A 77 11.27 -2.19 12.49
C PHE A 77 12.71 -1.73 12.67
N HIS A 78 13.50 -1.82 11.61
CA HIS A 78 14.88 -1.42 11.66
C HIS A 78 15.22 -0.39 10.60
N GLU A 79 16.50 -0.07 10.52
CA GLU A 79 17.01 0.88 9.56
C GLU A 79 18.33 0.40 9.01
N ILE A 80 18.47 0.40 7.70
CA ILE A 80 19.73 0.00 7.11
C ILE A 80 20.31 1.18 6.34
N GLU A 81 21.58 1.11 6.01
CA GLU A 81 22.22 2.21 5.32
C GLU A 81 22.80 1.81 3.97
N ALA A 82 22.70 2.72 3.02
CA ALA A 82 23.24 2.53 1.69
C ALA A 82 23.78 3.89 1.25
N ASP A 83 24.58 3.93 0.21
CA ASP A 83 25.02 5.22 -0.22
C ASP A 83 24.09 5.61 -1.36
N VAL A 84 24.16 6.86 -1.76
CA VAL A 84 23.33 7.38 -2.83
C VAL A 84 23.30 6.46 -4.02
N ASN A 85 24.47 5.99 -4.42
CA ASN A 85 24.59 5.12 -5.57
C ASN A 85 23.76 3.85 -5.48
N ASP A 86 23.77 3.20 -4.32
CA ASP A 86 22.98 1.99 -4.16
C ASP A 86 21.50 2.34 -4.07
N THR A 87 21.17 3.39 -3.32
CA THR A 87 19.77 3.81 -3.21
C THR A 87 19.19 4.05 -4.61
N SER A 88 20.01 4.53 -5.53
CA SER A 88 19.49 4.82 -6.85
C SER A 88 19.23 3.61 -7.74
N LEU A 89 19.89 2.50 -7.43
CA LEU A 89 19.68 1.28 -8.21
C LEU A 89 18.39 0.62 -7.74
N LEU A 90 17.96 0.95 -6.53
CA LEU A 90 16.73 0.44 -5.98
C LEU A 90 15.53 0.94 -6.80
N LEU A 91 15.72 2.06 -7.47
CA LEU A 91 14.64 2.62 -8.26
C LEU A 91 15.00 2.61 -9.73
N SER A 92 16.27 2.86 -10.03
CA SER A 92 16.78 2.90 -11.40
C SER A 92 15.68 3.17 -12.45
N HIS A 95 11.03 7.48 -10.16
CA HIS A 95 11.81 7.92 -11.30
C HIS A 95 12.46 9.28 -11.07
N SER A 96 11.72 10.23 -10.51
CA SER A 96 12.25 11.57 -10.27
C SER A 96 13.09 11.65 -9.01
N ILE A 97 13.12 10.55 -8.27
CA ILE A 97 13.90 10.48 -7.05
C ILE A 97 15.34 10.62 -7.51
N GLN A 98 15.56 10.34 -8.80
CA GLN A 98 16.86 10.38 -9.43
C GLN A 98 17.42 11.79 -9.45
N GLN A 99 16.57 12.77 -9.66
CA GLN A 99 17.04 14.15 -9.68
C GLN A 99 17.42 14.56 -8.27
N GLN A 100 16.61 14.15 -7.30
CA GLN A 100 16.90 14.48 -5.93
C GLN A 100 18.20 13.83 -5.50
N LEU A 101 18.40 12.58 -5.89
CA LEU A 101 19.61 11.90 -5.52
C LEU A 101 20.77 12.60 -6.20
N GLN A 102 20.57 13.17 -7.37
CA GLN A 102 21.70 13.85 -8.00
C GLN A 102 22.04 15.07 -7.16
N GLU A 103 21.00 15.70 -6.63
CA GLU A 103 21.19 16.87 -5.80
C GLU A 103 21.92 16.49 -4.53
N VAL A 104 21.62 15.34 -3.93
CA VAL A 104 22.38 14.93 -2.74
C VAL A 104 23.84 14.71 -3.21
N ARG A 105 24.01 14.15 -4.41
CA ARG A 105 25.36 13.89 -4.93
C ARG A 105 26.17 15.17 -5.17
N GLU A 106 25.51 16.23 -5.60
CA GLU A 106 26.16 17.51 -5.85
C GLU A 106 26.82 18.10 -4.61
N ASP A 107 26.24 17.85 -3.44
CA ASP A 107 26.81 18.37 -2.21
C ASP A 107 27.68 17.35 -1.44
N ASP A 108 27.39 16.05 -1.60
CA ASP A 108 28.18 15.00 -0.94
C ASP A 108 27.93 13.67 -1.63
N ASP A 109 28.83 13.29 -2.53
CA ASP A 109 28.64 12.06 -3.24
C ASP A 109 28.95 10.82 -2.42
N ASP A 110 29.28 11.03 -1.15
CA ASP A 110 29.56 9.93 -0.24
C ASP A 110 28.48 9.91 0.82
N ALA A 111 27.41 10.66 0.56
CA ALA A 111 26.27 10.76 1.47
C ALA A 111 25.59 9.41 1.74
N GLU A 112 25.20 9.21 2.99
CA GLU A 112 24.56 7.99 3.41
C GLU A 112 23.05 8.12 3.50
N MSE A 113 22.35 7.15 2.90
CA MSE A 113 20.89 7.11 2.88
C MSE A 113 20.36 6.02 3.83
O MSE A 113 20.82 4.88 3.80
CB MSE A 113 20.44 6.83 1.45
CG MSE A 113 20.96 7.81 0.42
SE MSE A 113 19.97 9.49 0.35
CE MSE A 113 20.82 10.51 1.75
N THR A 114 19.37 6.37 4.64
CA THR A 114 18.76 5.45 5.59
C THR A 114 17.43 4.87 5.07
N HIS A 115 17.30 3.54 5.12
CA HIS A 115 16.07 2.92 4.65
C HIS A 115 15.35 2.14 5.75
N SER A 116 14.04 2.31 5.82
CA SER A 116 13.25 1.61 6.80
C SER A 116 13.03 0.15 6.39
N VAL A 117 13.05 -0.73 7.37
CA VAL A 117 12.89 -2.16 7.13
C VAL A 117 11.90 -2.79 8.09
N ALA A 118 10.87 -3.43 7.54
CA ALA A 118 9.90 -4.12 8.39
C ALA A 118 10.16 -5.65 8.33
N VAL A 119 10.28 -6.27 9.51
CA VAL A 119 10.46 -7.73 9.61
C VAL A 119 9.16 -8.31 10.17
N ASN A 120 8.58 -9.26 9.45
CA ASN A 120 7.32 -9.84 9.83
C ASN A 120 7.42 -11.36 9.90
N VAL A 121 7.12 -11.90 11.07
CA VAL A 121 7.19 -13.35 11.30
C VAL A 121 5.85 -14.05 11.17
N TYR A 122 5.78 -15.04 10.29
CA TYR A 122 4.54 -15.77 10.12
C TYR A 122 4.62 -17.23 10.60
N PRO A 123 4.00 -17.53 11.76
CA PRO A 123 4.06 -18.92 12.23
C PRO A 123 3.47 -19.87 11.20
N ALA A 124 4.13 -21.01 11.02
CA ALA A 124 3.69 -22.02 10.06
C ALA A 124 2.19 -22.24 10.07
N THR A 125 1.68 -22.68 8.93
CA THR A 125 0.26 -22.93 8.78
C THR A 125 0.02 -24.28 8.13
N SER A 126 -1.25 -24.69 8.07
CA SER A 126 -1.61 -25.97 7.48
C SER A 126 -1.16 -26.01 6.02
N ARG A 127 -1.31 -24.91 5.31
CA ARG A 127 -0.90 -24.85 3.92
C ARG A 127 0.34 -23.96 3.70
N MSE A 128 0.91 -23.46 4.79
CA MSE A 128 2.08 -22.60 4.67
C MSE A 128 3.16 -22.85 5.74
O MSE A 128 2.88 -22.86 6.93
CB MSE A 128 1.65 -21.13 4.71
CG MSE A 128 1.22 -20.56 3.36
SE MSE A 128 2.71 -20.42 2.11
CE MSE A 128 2.40 -22.01 1.06
N PRO A 129 4.42 -23.06 5.31
CA PRO A 129 5.47 -23.28 6.31
C PRO A 129 5.72 -22.00 7.09
N LYS A 130 6.49 -22.08 8.17
CA LYS A 130 6.80 -20.89 8.95
C LYS A 130 7.63 -20.02 8.02
N LEU A 131 7.33 -18.73 7.97
CA LEU A 131 8.04 -17.82 7.07
C LEU A 131 8.30 -16.43 7.68
N THR A 132 9.37 -15.80 7.23
CA THR A 132 9.75 -14.45 7.68
C THR A 132 9.76 -13.53 6.45
N ILE A 133 8.94 -12.49 6.48
CA ILE A 133 8.92 -11.59 5.33
C ILE A 133 9.58 -10.27 5.71
N VAL A 134 10.46 -9.80 4.82
CA VAL A 134 11.20 -8.57 5.05
C VAL A 134 10.85 -7.56 3.98
N VAL A 135 10.48 -6.37 4.41
CA VAL A 135 10.11 -5.33 3.47
C VAL A 135 10.91 -4.05 3.71
N VAL A 136 11.58 -3.62 2.64
CA VAL A 136 12.40 -2.43 2.64
C VAL A 136 11.77 -1.34 1.76
N ASP A 137 11.51 -0.19 2.37
CA ASP A 137 10.97 0.99 1.71
C ASP A 137 12.16 1.54 0.89
N THR A 138 11.99 1.73 -0.42
CA THR A 138 13.11 2.21 -1.24
C THR A 138 13.37 3.74 -1.29
N ILE A 139 12.45 4.52 -0.73
CA ILE A 139 12.59 5.97 -0.66
C ILE A 139 13.36 6.23 0.64
N PRO A 140 14.58 6.79 0.56
CA PRO A 140 15.33 7.03 1.81
C PRO A 140 14.58 7.98 2.75
N VAL A 141 14.95 7.96 4.02
CA VAL A 141 14.33 8.81 5.04
C VAL A 141 14.64 10.31 4.84
N GLU A 142 15.79 10.61 4.24
CA GLU A 142 16.18 11.99 3.99
C GLU A 142 15.38 12.66 2.85
N LEU A 143 14.64 11.87 2.08
CA LEU A 143 13.88 12.38 0.95
C LEU A 143 12.36 12.25 1.09
N LYS A 144 11.91 11.81 2.26
CA LYS A 144 10.49 11.64 2.53
C LYS A 144 9.69 12.93 2.38
N SER A 145 10.20 14.02 2.97
CA SER A 145 9.57 15.33 2.93
C SER A 145 9.10 15.77 1.56
N SER A 146 9.58 15.09 0.52
CA SER A 146 9.19 15.44 -0.84
C SER A 146 8.35 14.34 -1.53
N ASP B 3 -0.42 13.50 -1.98
CA ASP B 3 0.10 13.58 -3.37
C ASP B 3 0.65 12.22 -3.76
N LYS B 4 1.79 11.87 -3.15
CA LYS B 4 2.46 10.59 -3.41
C LYS B 4 2.25 9.66 -2.23
N THR B 5 2.51 10.17 -1.03
CA THR B 5 2.33 9.38 0.19
C THR B 5 0.84 9.18 0.44
N THR B 6 0.03 10.03 -0.16
CA THR B 6 -1.42 9.95 -0.03
C THR B 6 -1.87 8.63 -0.70
N PHE B 7 -1.41 8.41 -1.92
CA PHE B 7 -1.73 7.18 -2.60
C PHE B 7 -1.16 5.96 -1.87
N ARG B 8 0.06 6.07 -1.35
CA ARG B 8 0.69 4.95 -0.64
C ARG B 8 -0.06 4.52 0.60
N LEU B 9 -0.64 5.49 1.30
CA LEU B 9 -1.42 5.20 2.50
C LEU B 9 -2.83 4.70 2.18
N LEU B 10 -3.35 5.07 1.02
CA LEU B 10 -4.67 4.64 0.62
C LEU B 10 -4.55 3.21 0.09
N ARG B 11 -3.49 2.95 -0.66
CA ARG B 11 -3.23 1.63 -1.20
C ARG B 11 -2.84 0.66 -0.09
N GLY B 12 -2.52 1.20 1.09
CA GLY B 12 -2.17 0.37 2.22
C GLY B 12 -3.46 -0.03 2.91
N GLU B 13 -4.47 0.81 2.82
CA GLU B 13 -5.77 0.53 3.41
C GLU B 13 -6.46 -0.51 2.51
N SER B 14 -6.07 -0.50 1.23
CA SER B 14 -6.60 -1.38 0.19
C SER B 14 -6.04 -2.80 0.32
N ASN B 15 -4.74 -2.92 0.57
CA ASN B 15 -4.08 -4.21 0.70
C ASN B 15 -4.59 -4.90 1.97
N LEU B 16 -5.01 -4.08 2.93
CA LEU B 16 -5.53 -4.56 4.20
C LEU B 16 -6.82 -5.29 3.92
N PHE B 17 -7.75 -4.60 3.27
CA PHE B 17 -9.04 -5.14 2.92
C PHE B 17 -8.99 -6.37 2.03
N TYR B 18 -7.92 -6.48 1.26
CA TYR B 18 -7.71 -7.59 0.36
C TYR B 18 -7.19 -8.79 1.13
N THR B 19 -6.46 -8.53 2.21
CA THR B 19 -5.89 -9.61 2.99
C THR B 19 -6.92 -10.21 3.92
N LEU B 20 -7.90 -9.41 4.31
CA LEU B 20 -8.95 -9.89 5.20
C LEU B 20 -10.11 -10.51 4.43
N ALA B 21 -10.17 -10.21 3.14
CA ALA B 21 -11.22 -10.71 2.27
C ALA B 21 -11.16 -12.22 2.07
N LYS B 22 -12.32 -12.80 1.79
CA LYS B 22 -12.42 -14.24 1.57
C LYS B 22 -13.57 -14.50 0.61
N TRP B 23 -13.48 -15.60 -0.12
CA TRP B 23 -14.53 -15.95 -1.06
C TRP B 23 -15.20 -17.24 -0.56
N GLU B 24 -16.37 -17.11 0.05
CA GLU B 24 -17.12 -18.26 0.58
C GLU B 24 -18.60 -18.23 0.19
N ASN B 25 -19.15 -19.39 -0.19
CA ASN B 25 -20.56 -19.46 -0.59
C ASN B 25 -20.72 -18.70 -1.91
N ASN B 26 -19.65 -18.72 -2.70
CA ASN B 26 -19.62 -18.04 -3.99
C ASN B 26 -19.81 -16.52 -3.88
N LYS B 27 -19.76 -16.02 -2.64
CA LYS B 27 -19.90 -14.59 -2.36
C LYS B 27 -18.62 -14.06 -1.74
N LEU B 28 -18.37 -12.78 -1.95
CA LEU B 28 -17.19 -12.12 -1.39
C LEU B 28 -17.46 -11.90 0.09
N HIS B 29 -16.50 -12.22 0.95
CA HIS B 29 -16.67 -12.01 2.39
C HIS B 29 -15.62 -11.03 2.90
N VAL B 30 -16.10 -9.94 3.49
CA VAL B 30 -15.20 -8.91 3.97
C VAL B 30 -15.15 -8.67 5.46
N GLU B 31 -13.95 -8.76 6.02
CA GLU B 31 -13.77 -8.49 7.46
C GLU B 31 -13.39 -7.03 7.66
N LEU B 32 -13.88 -6.46 8.75
CA LEU B 32 -13.65 -5.08 9.15
C LEU B 32 -12.25 -4.89 9.74
N PRO B 33 -11.36 -4.18 9.02
CA PRO B 33 -10.00 -3.92 9.47
C PRO B 33 -9.94 -2.81 10.52
N PRO B 41 -11.01 7.85 8.26
CA PRO B 41 -10.83 8.89 7.27
C PRO B 41 -10.87 8.36 5.85
N THR B 42 -11.05 7.05 5.70
CA THR B 42 -11.17 6.46 4.37
C THR B 42 -12.43 5.65 4.24
N MSE B 43 -12.85 5.44 3.00
CA MSE B 43 -14.05 4.70 2.70
C MSE B 43 -13.66 3.75 1.58
O MSE B 43 -13.04 4.16 0.61
CB MSE B 43 -15.13 5.68 2.24
CG MSE B 43 -16.53 5.40 2.77
SE MSE B 43 -17.63 4.81 1.35
CE MSE B 43 -17.13 2.96 1.24
N THR B 44 -14.01 2.47 1.70
CA THR B 44 -13.66 1.51 0.65
C THR B 44 -14.84 0.85 -0.08
N LEU B 45 -14.64 0.61 -1.36
CA LEU B 45 -15.64 -0.01 -2.22
C LEU B 45 -14.89 -1.08 -2.97
N ILE B 46 -15.53 -2.23 -3.18
CA ILE B 46 -14.91 -3.34 -3.91
C ILE B 46 -15.80 -3.75 -5.08
N TYR B 47 -15.17 -3.93 -6.25
CA TYR B 47 -15.84 -4.27 -7.49
C TYR B 47 -15.25 -5.53 -8.11
N ASP B 48 -16.00 -6.16 -9.01
CA ASP B 48 -15.51 -7.35 -9.69
C ASP B 48 -14.89 -7.04 -11.03
N GLU B 49 -14.61 -8.09 -11.80
CA GLU B 49 -14.02 -8.02 -13.12
C GLU B 49 -14.84 -7.26 -14.17
N ASN B 50 -16.17 -7.28 -14.03
CA ASN B 50 -17.05 -6.61 -14.98
C ASN B 50 -17.36 -5.19 -14.51
N GLY B 51 -16.83 -4.82 -13.34
CA GLY B 51 -17.06 -3.50 -12.82
C GLY B 51 -18.34 -3.32 -12.03
N GLN B 52 -18.83 -4.38 -11.40
CA GLN B 52 -20.06 -4.32 -10.61
C GLN B 52 -19.71 -4.28 -9.13
N LEU B 53 -20.43 -3.44 -8.39
CA LEU B 53 -20.21 -3.28 -6.97
C LEU B 53 -20.57 -4.54 -6.19
N LEU B 54 -19.65 -4.99 -5.34
CA LEU B 54 -19.85 -6.18 -4.52
C LEU B 54 -19.91 -5.79 -3.06
N TRP B 55 -19.28 -4.68 -2.71
CA TRP B 55 -19.26 -4.22 -1.32
C TRP B 55 -18.85 -2.76 -1.18
N ALA B 56 -19.56 -2.03 -0.31
CA ALA B 56 -19.26 -0.63 -0.01
C ALA B 56 -19.23 -0.57 1.51
N GLN B 57 -18.26 0.14 2.07
CA GLN B 57 -18.12 0.26 3.51
C GLN B 57 -19.23 1.11 4.12
N ARG B 58 -19.81 1.97 3.28
CA ARG B 58 -20.91 2.84 3.66
C ARG B 58 -21.61 3.08 2.33
N ASP B 59 -22.93 3.16 2.34
CA ASP B 59 -23.64 3.41 1.09
C ASP B 59 -23.81 4.90 0.88
N VAL B 60 -22.99 5.43 -0.02
CA VAL B 60 -22.99 6.85 -0.34
C VAL B 60 -23.24 6.93 -1.83
N PRO B 61 -24.49 7.14 -2.22
CA PRO B 61 -24.88 7.23 -3.62
C PRO B 61 -24.10 8.26 -4.44
N TRP B 62 -23.95 9.48 -3.95
CA TRP B 62 -23.24 10.49 -4.72
C TRP B 62 -21.78 10.11 -5.03
N LEU B 63 -21.16 9.30 -4.18
CA LEU B 63 -19.77 8.90 -4.39
C LEU B 63 -19.67 7.84 -5.49
N MSE B 64 -20.56 6.87 -5.47
CA MSE B 64 -20.56 5.80 -6.46
C MSE B 64 -20.64 6.27 -7.91
O MSE B 64 -20.04 5.67 -8.79
CB MSE B 64 -21.73 4.85 -6.21
CG MSE B 64 -21.47 3.84 -5.13
SE MSE B 64 -23.14 3.10 -4.54
CE MSE B 64 -22.98 3.51 -2.66
N LYS B 65 -21.40 7.34 -8.14
CA LYS B 65 -21.57 7.90 -9.47
C LYS B 65 -20.35 8.69 -9.87
N MSE B 66 -19.44 8.88 -8.92
CA MSE B 66 -18.22 9.63 -9.16
C MSE B 66 -17.12 8.69 -9.64
O MSE B 66 -16.20 9.11 -10.35
CB MSE B 66 -17.78 10.35 -7.88
CG MSE B 66 -18.67 11.53 -7.48
SE MSE B 66 -18.45 13.06 -8.64
CE MSE B 66 -19.98 12.78 -9.80
N ILE B 67 -17.23 7.43 -9.25
CA ILE B 67 -16.22 6.44 -9.64
C ILE B 67 -16.45 6.06 -11.09
N GLN B 68 -15.72 6.71 -12.00
CA GLN B 68 -15.87 6.41 -13.43
C GLN B 68 -15.46 4.97 -13.67
N PRO B 69 -16.35 4.18 -14.30
CA PRO B 69 -16.11 2.76 -14.60
C PRO B 69 -14.78 2.54 -15.32
N ASP B 70 -14.34 3.53 -16.07
CA ASP B 70 -13.08 3.41 -16.78
C ASP B 70 -11.92 3.27 -15.79
N TRP B 71 -12.05 3.90 -14.63
CA TRP B 71 -10.99 3.85 -13.62
C TRP B 71 -10.75 2.45 -13.05
N LEU B 72 -11.77 1.61 -13.06
CA LEU B 72 -11.64 0.27 -12.50
C LEU B 72 -10.80 -0.72 -13.29
N LYS B 73 -10.36 -0.32 -14.48
CA LYS B 73 -9.57 -1.20 -15.31
C LYS B 73 -8.10 -1.31 -14.87
N SER B 74 -7.56 -0.20 -14.37
CA SER B 74 -6.17 -0.12 -13.95
C SER B 74 -5.94 0.55 -12.60
N ASN B 75 -4.75 0.35 -12.04
CA ASN B 75 -4.40 0.97 -10.78
C ASN B 75 -4.26 2.46 -11.08
N GLY B 76 -4.66 3.32 -10.17
CA GLY B 76 -4.55 4.73 -10.47
C GLY B 76 -4.88 5.62 -9.32
N PHE B 77 -4.56 6.90 -9.46
CA PHE B 77 -4.82 7.90 -8.44
C PHE B 77 -5.64 9.01 -9.06
N HIS B 78 -6.80 9.28 -8.46
CA HIS B 78 -7.72 10.30 -8.96
C HIS B 78 -8.17 11.23 -7.85
N GLU B 79 -8.91 12.26 -8.27
CA GLU B 79 -9.50 13.27 -7.39
C GLU B 79 -10.94 13.47 -7.81
N ILE B 80 -11.83 13.64 -6.83
CA ILE B 80 -13.23 13.87 -7.16
C ILE B 80 -13.73 15.07 -6.38
N GLU B 81 -14.60 15.84 -7.01
CA GLU B 81 -15.11 17.04 -6.37
C GLU B 81 -16.41 16.76 -5.64
N ALA B 82 -16.73 17.58 -4.65
CA ALA B 82 -17.97 17.40 -3.91
C ALA B 82 -18.27 18.65 -3.09
N ASP B 83 -19.55 18.93 -2.89
CA ASP B 83 -19.92 20.09 -2.09
C ASP B 83 -19.71 19.71 -0.62
N VAL B 84 -19.95 20.66 0.27
CA VAL B 84 -19.77 20.42 1.69
C VAL B 84 -20.81 19.44 2.25
N ASN B 85 -22.04 19.51 1.75
CA ASN B 85 -23.09 18.61 2.22
C ASN B 85 -22.73 17.16 1.97
N ASP B 86 -22.15 16.90 0.80
CA ASP B 86 -21.77 15.57 0.42
C ASP B 86 -20.51 15.11 1.15
N THR B 87 -19.54 16.00 1.33
CA THR B 87 -18.33 15.64 2.06
C THR B 87 -18.70 15.22 3.47
N SER B 88 -19.58 15.97 4.10
CA SER B 88 -20.00 15.66 5.48
C SER B 88 -20.84 14.39 5.59
N LEU B 89 -21.39 13.94 4.47
CA LEU B 89 -22.17 12.71 4.43
C LEU B 89 -21.18 11.56 4.34
N LEU B 90 -19.95 11.87 3.98
CA LEU B 90 -18.92 10.85 3.87
C LEU B 90 -18.37 10.45 5.23
N LEU B 91 -18.85 11.07 6.32
CA LEU B 91 -18.31 10.75 7.64
C LEU B 91 -19.25 10.47 8.80
N SER B 92 -20.53 10.84 8.68
CA SER B 92 -21.51 10.63 9.77
C SER B 92 -21.21 11.43 11.05
N GLY B 93 -19.96 11.82 11.24
CA GLY B 93 -19.58 12.59 12.42
C GLY B 93 -20.31 12.18 13.68
N SER B 96 -15.92 14.40 14.22
CA SER B 96 -14.72 15.08 14.70
C SER B 96 -14.35 16.28 13.80
N ILE B 97 -14.14 15.99 12.51
CA ILE B 97 -13.81 17.03 11.53
C ILE B 97 -15.05 17.86 11.23
N GLN B 98 -16.21 17.31 11.60
CA GLN B 98 -17.49 17.97 11.36
C GLN B 98 -17.51 19.44 11.76
N GLN B 99 -16.83 19.79 12.84
CA GLN B 99 -16.81 21.19 13.27
C GLN B 99 -16.21 22.10 12.20
N GLN B 100 -15.10 21.67 11.60
CA GLN B 100 -14.48 22.47 10.56
C GLN B 100 -15.37 22.53 9.34
N LEU B 101 -16.18 21.50 9.14
CA LEU B 101 -17.07 21.50 7.99
C LEU B 101 -18.21 22.51 8.17
N GLN B 102 -18.55 22.82 9.42
CA GLN B 102 -19.64 23.77 9.70
C GLN B 102 -19.26 25.23 9.47
N GLU B 103 -17.98 25.55 9.61
CA GLU B 103 -17.57 26.92 9.37
C GLU B 103 -17.29 27.14 7.89
N VAL B 104 -17.01 26.05 7.17
CA VAL B 104 -16.79 26.17 5.74
C VAL B 104 -18.17 26.42 5.14
N ARG B 105 -19.15 25.73 5.71
CA ARG B 105 -20.53 25.80 5.30
C ARG B 105 -21.10 27.16 5.68
N GLU B 106 -20.66 27.65 6.83
CA GLU B 106 -21.14 28.93 7.33
C GLU B 106 -20.70 30.12 6.49
N ASP B 107 -19.59 30.00 5.77
CA ASP B 107 -19.18 31.13 4.96
C ASP B 107 -19.37 30.93 3.46
N ASP B 108 -19.89 29.78 3.09
CA ASP B 108 -20.19 29.45 1.70
C ASP B 108 -20.75 28.05 1.60
N ASP B 109 -22.08 27.94 1.60
CA ASP B 109 -22.68 26.62 1.52
C ASP B 109 -22.44 25.98 0.15
N ASP B 110 -21.76 26.68 -0.75
CA ASP B 110 -21.48 26.11 -2.06
C ASP B 110 -20.01 25.79 -2.22
N ALA B 111 -19.28 25.73 -1.11
CA ALA B 111 -17.86 25.43 -1.15
C ALA B 111 -17.63 24.07 -1.79
N GLU B 112 -16.59 23.96 -2.60
CA GLU B 112 -16.28 22.70 -3.24
C GLU B 112 -15.10 21.98 -2.54
N MSE B 113 -15.27 20.69 -2.31
CA MSE B 113 -14.28 19.86 -1.64
C MSE B 113 -13.68 18.81 -2.61
O MSE B 113 -14.36 18.29 -3.49
CB MSE B 113 -14.93 19.14 -0.45
CG MSE B 113 -15.78 20.04 0.46
SE MSE B 113 -14.79 21.05 1.82
CE MSE B 113 -14.27 22.58 0.76
N THR B 114 -12.40 18.51 -2.40
CA THR B 114 -11.66 17.56 -3.21
C THR B 114 -11.28 16.38 -2.35
N HIS B 115 -11.45 15.18 -2.90
CA HIS B 115 -11.09 13.99 -2.16
C HIS B 115 -10.14 13.14 -3.00
N SER B 116 -9.09 12.62 -2.37
CA SER B 116 -8.16 11.78 -3.10
C SER B 116 -8.82 10.40 -3.23
N VAL B 117 -8.57 9.72 -4.34
CA VAL B 117 -9.14 8.40 -4.61
C VAL B 117 -8.04 7.45 -5.15
N ALA B 118 -7.83 6.33 -4.49
CA ALA B 118 -6.85 5.37 -4.96
C ALA B 118 -7.56 4.15 -5.49
N VAL B 119 -7.19 3.71 -6.70
CA VAL B 119 -7.79 2.53 -7.33
C VAL B 119 -6.67 1.48 -7.44
N ASN B 120 -6.93 0.26 -7.01
CA ASN B 120 -5.94 -0.82 -7.08
C ASN B 120 -6.60 -2.09 -7.61
N VAL B 121 -5.93 -2.74 -8.55
CA VAL B 121 -6.46 -3.95 -9.17
C VAL B 121 -5.70 -5.18 -8.70
N TYR B 122 -6.45 -6.20 -8.30
CA TYR B 122 -5.86 -7.43 -7.83
C TYR B 122 -6.30 -8.55 -8.76
N PRO B 123 -5.38 -9.03 -9.60
CA PRO B 123 -5.62 -10.09 -10.58
C PRO B 123 -6.23 -11.32 -9.93
N ALA B 124 -7.01 -12.08 -10.68
CA ALA B 124 -7.61 -13.28 -10.13
C ALA B 124 -6.48 -14.26 -9.77
N THR B 125 -6.75 -15.17 -8.84
CA THR B 125 -5.75 -16.14 -8.46
C THR B 125 -6.36 -17.53 -8.28
N SER B 126 -5.87 -18.26 -7.28
CA SER B 126 -6.37 -19.60 -7.01
C SER B 126 -7.15 -19.64 -5.70
N ARG B 127 -7.35 -18.46 -5.12
CA ARG B 127 -8.11 -18.35 -3.87
C ARG B 127 -9.08 -17.17 -4.00
N MSE B 128 -8.93 -16.41 -5.08
CA MSE B 128 -9.76 -15.23 -5.32
C MSE B 128 -9.86 -14.86 -6.79
O MSE B 128 -8.96 -15.12 -7.57
CB MSE B 128 -9.19 -14.02 -4.57
CG MSE B 128 -9.25 -14.12 -3.07
SE MSE B 128 -10.98 -13.64 -2.37
CE MSE B 128 -10.40 -12.90 -0.70
N PRO B 129 -10.99 -14.25 -7.19
CA PRO B 129 -11.21 -13.82 -8.57
C PRO B 129 -10.72 -12.37 -8.67
N LYS B 130 -10.53 -11.87 -9.88
CA LYS B 130 -10.08 -10.51 -10.08
C LYS B 130 -10.96 -9.50 -9.35
N LEU B 131 -10.32 -8.60 -8.61
CA LEU B 131 -11.04 -7.60 -7.87
C LEU B 131 -10.41 -6.25 -8.16
N THR B 132 -11.10 -5.21 -7.71
CA THR B 132 -10.61 -3.86 -7.83
C THR B 132 -11.10 -3.26 -6.53
N ILE B 133 -10.17 -2.76 -5.72
CA ILE B 133 -10.57 -2.15 -4.48
C ILE B 133 -10.36 -0.64 -4.68
N VAL B 134 -11.33 0.13 -4.22
CA VAL B 134 -11.27 1.58 -4.36
C VAL B 134 -11.30 2.16 -2.97
N VAL B 135 -10.34 3.02 -2.66
CA VAL B 135 -10.28 3.66 -1.35
C VAL B 135 -10.35 5.17 -1.54
N VAL B 136 -11.22 5.78 -0.74
CA VAL B 136 -11.47 7.20 -0.77
C VAL B 136 -11.08 7.82 0.56
N ASP B 137 -10.32 8.92 0.50
CA ASP B 137 -9.86 9.69 1.67
C ASP B 137 -11.05 10.56 2.00
N THR B 138 -11.72 10.28 3.12
CA THR B 138 -12.91 11.04 3.49
C THR B 138 -12.66 12.49 3.95
N ILE B 139 -11.42 12.78 4.32
CA ILE B 139 -11.10 14.13 4.72
C ILE B 139 -10.67 14.84 3.44
N PRO B 140 -11.37 15.93 3.11
CA PRO B 140 -11.06 16.70 1.90
C PRO B 140 -9.65 17.31 1.90
N VAL B 141 -9.05 17.36 0.72
CA VAL B 141 -7.70 17.91 0.55
C VAL B 141 -7.46 19.25 1.24
N GLU B 142 -8.43 20.15 1.17
CA GLU B 142 -8.29 21.48 1.78
C GLU B 142 -8.59 21.60 3.28
N LEU B 143 -8.74 20.47 3.95
CA LEU B 143 -9.00 20.45 5.39
C LEU B 143 -7.93 19.63 6.08
N LYS B 144 -6.72 19.68 5.52
CA LYS B 144 -5.56 18.94 5.99
C LYS B 144 -5.55 17.64 5.20
NI NI C . 33.38 8.07 -2.56
NI NI D . -26.23 26.46 -3.34
C ACY E . -1.66 -3.41 -5.82
O ACY E . -2.25 -3.42 -6.88
OXT ACY E . -0.42 -3.90 -5.72
CH3 ACY E . -2.33 -2.81 -4.61
#